data_3RNK
#
_entry.id   3RNK
#
_cell.length_a   36.057
_cell.length_b   60.246
_cell.length_c   80.087
_cell.angle_alpha   90.000
_cell.angle_beta   90.000
_cell.angle_gamma   90.000
#
_symmetry.space_group_name_H-M   'P 21 21 21'
#
loop_
_entity.id
_entity.type
_entity.pdbx_description
1 polymer 'Programmed cell death protein 1'
2 polymer 'Programmed cell death 1 ligand 2'
3 water water
#
loop_
_entity_poly.entity_id
_entity_poly.type
_entity_poly.pdbx_seq_one_letter_code
_entity_poly.pdbx_strand_id
1 'polypeptide(L)'
;SLTFYPAWLTVSEGANATFTCSLSNWSEDLMLNWNRLSPSNQTEKQAAFSNGLSQPVQDARFQIIQLPNRHDFHMNILDT
RRNDSGIYLCGAISLHPKLKIEESPGAELVVTERILE
;
A
2 'polypeptide(L)'
;LFTVTAPKEVYTVDVGSSVSLECDFDRRECTELEGIRASLQKVENDTSLQSERATLLEEQLPLGKALFHIPSVQVRDSGQ
YRCLVICGAAWDYKYLTVKVKASY
;
B
#
# COMPACT_ATOMS: atom_id res chain seq x y z
N SER A 1 1.05 9.64 12.51
CA SER A 1 1.03 8.14 12.41
C SER A 1 -0.41 7.61 12.34
N LEU A 2 -0.54 6.33 12.02
CA LEU A 2 -1.84 5.67 11.89
C LEU A 2 -1.94 4.56 12.89
N THR A 3 -3.12 4.44 13.48
CA THR A 3 -3.47 3.27 14.28
C THR A 3 -4.74 2.63 13.70
N PHE A 4 -4.99 1.38 14.09
CA PHE A 4 -6.07 0.61 13.47
C PHE A 4 -6.49 -0.34 14.54
N TYR A 5 -7.75 -0.24 14.95
CA TYR A 5 -8.22 -0.97 16.11
C TYR A 5 -9.68 -1.41 15.88
N PRO A 6 -10.15 -2.43 16.62
CA PRO A 6 -9.38 -3.18 17.63
C PRO A 6 -8.33 -4.09 17.00
N ALA A 7 -7.30 -4.37 17.77
CA ALA A 7 -6.22 -5.25 17.36
C ALA A 7 -6.71 -6.64 16.93
N TRP A 8 -7.75 -7.13 17.59
CA TRP A 8 -8.40 -8.38 17.23
C TRP A 8 -9.90 -8.21 17.30
N LEU A 9 -10.57 -8.71 16.26
CA LEU A 9 -12.02 -8.62 16.14
C LEU A 9 -12.56 -9.99 15.73
N THR A 10 -13.51 -10.51 16.52
CA THR A 10 -14.19 -11.76 16.15
C THR A 10 -15.69 -11.49 16.05
N VAL A 11 -16.29 -11.91 14.94
CA VAL A 11 -17.75 -11.75 14.73
C VAL A 11 -18.35 -13.01 14.11
N SER A 12 -19.67 -13.20 14.26
CA SER A 12 -20.37 -14.30 13.57
C SER A 12 -20.62 -13.98 12.12
N GLU A 13 -20.51 -15.00 11.28
CA GLU A 13 -20.75 -14.80 9.87
C GLU A 13 -22.09 -14.11 9.66
N GLY A 14 -22.09 -13.08 8.84
CA GLY A 14 -23.30 -12.35 8.49
C GLY A 14 -23.36 -11.02 9.24
N ALA A 15 -22.76 -10.98 10.43
CA ALA A 15 -22.59 -9.72 11.20
C ALA A 15 -21.63 -8.74 10.52
N ASN A 16 -21.75 -7.46 10.85
CA ASN A 16 -20.78 -6.49 10.35
C ASN A 16 -19.48 -6.54 11.13
N ALA A 17 -18.39 -6.15 10.49
CA ALA A 17 -17.10 -6.00 11.17
C ALA A 17 -16.67 -4.55 10.98
N THR A 18 -16.31 -3.89 12.08
CA THR A 18 -15.85 -2.52 11.98
C THR A 18 -14.50 -2.35 12.66
N PHE A 19 -13.51 -1.89 11.87
CA PHE A 19 -12.24 -1.41 12.40
C PHE A 19 -12.24 0.11 12.33
N THR A 20 -11.44 0.74 13.19
CA THR A 20 -11.24 2.18 13.11
C THR A 20 -9.80 2.49 12.73
N CYS A 21 -9.63 3.22 11.64
CA CYS A 21 -8.32 3.77 11.25
C CYS A 21 -8.22 5.20 11.74
N SER A 22 -7.21 5.46 12.57
CA SER A 22 -7.06 6.77 13.24
C SER A 22 -5.76 7.46 12.81
N LEU A 23 -5.91 8.65 12.22
CA LEU A 23 -4.77 9.42 11.69
C LEU A 23 -4.41 10.60 12.57
N SER A 24 -3.13 10.66 12.94
CA SER A 24 -2.60 11.68 13.83
C SER A 24 -1.78 12.67 13.01
N ASN A 25 -2.02 13.97 13.24
CA ASN A 25 -1.23 15.06 12.64
C ASN A 25 -1.20 15.05 11.10
N TRP A 26 -2.33 14.68 10.52
CA TRP A 26 -2.44 14.61 9.08
C TRP A 26 -3.11 15.87 8.55
N SER A 27 -2.75 16.26 7.33
CA SER A 27 -3.36 17.41 6.67
C SER A 27 -4.77 17.14 6.15
N GLU A 28 -5.39 18.16 5.57
CA GLU A 28 -6.77 18.09 5.08
C GLU A 28 -6.95 17.15 3.87
N ASP A 29 -5.91 17.04 3.05
CA ASP A 29 -5.97 16.23 1.82
CA ASP A 29 -5.99 16.22 1.83
C ASP A 29 -5.74 14.74 2.13
N LEU A 30 -6.80 14.04 2.56
CA LEU A 30 -6.72 12.64 2.96
C LEU A 30 -6.85 11.68 1.75
N MET A 31 -5.86 10.79 1.57
CA MET A 31 -5.96 9.67 0.63
C MET A 31 -5.59 8.41 1.39
N LEU A 32 -6.60 7.58 1.64
CA LEU A 32 -6.49 6.48 2.59
C LEU A 32 -6.98 5.19 1.94
N ASN A 33 -6.15 4.15 2.00
CA ASN A 33 -6.52 2.84 1.48
C ASN A 33 -6.69 1.83 2.61
N TRP A 34 -7.57 0.84 2.39
CA TRP A 34 -7.78 -0.30 3.31
C TRP A 34 -7.26 -1.54 2.61
N ASN A 35 -6.27 -2.18 3.24
CA ASN A 35 -5.61 -3.34 2.64
C ASN A 35 -5.78 -4.58 3.49
N ARG A 36 -5.66 -5.74 2.85
CA ARG A 36 -5.65 -7.02 3.54
C ARG A 36 -4.32 -7.70 3.24
N LEU A 37 -3.76 -8.42 4.22
CA LEU A 37 -2.56 -9.24 3.97
C LEU A 37 -2.91 -10.63 3.42
N SER A 38 -2.17 -11.05 2.40
CA SER A 38 -2.37 -12.35 1.77
C SER A 38 -1.72 -13.43 2.66
N PRO A 39 -1.93 -14.74 2.33
CA PRO A 39 -1.20 -15.81 3.07
C PRO A 39 0.33 -15.61 3.02
N SER A 40 0.82 -15.03 1.93
CA SER A 40 2.24 -14.72 1.77
C SER A 40 2.68 -13.40 2.45
N ASN A 41 1.73 -12.69 3.06
CA ASN A 41 1.98 -11.40 3.72
C ASN A 41 2.14 -10.21 2.77
N GLN A 42 1.63 -10.37 1.56
CA GLN A 42 1.63 -9.28 0.59
C GLN A 42 0.36 -8.48 0.84
N THR A 43 0.43 -7.18 0.56
CA THR A 43 -0.72 -6.32 0.73
C THR A 43 -1.62 -6.39 -0.49
N GLU A 44 -2.94 -6.40 -0.25
CA GLU A 44 -3.94 -6.36 -1.34
C GLU A 44 -4.99 -5.32 -1.03
N LYS A 45 -5.21 -4.42 -1.98
CA LYS A 45 -6.15 -3.30 -1.81
C LYS A 45 -7.63 -3.74 -1.76
N GLN A 46 -8.34 -3.27 -0.73
CA GLN A 46 -9.77 -3.59 -0.55
C GLN A 46 -10.71 -2.43 -0.91
N ALA A 47 -10.29 -1.23 -0.51
CA ALA A 47 -11.09 -0.03 -0.69
C ALA A 47 -10.22 1.22 -0.60
N ALA A 48 -10.71 2.32 -1.16
CA ALA A 48 -9.97 3.58 -1.22
C ALA A 48 -10.89 4.73 -0.77
N PHE A 49 -10.33 5.66 0.00
CA PHE A 49 -11.03 6.89 0.36
C PHE A 49 -10.24 8.07 -0.18
N SER A 50 -10.92 8.92 -0.97
CA SER A 50 -10.33 10.17 -1.47
C SER A 50 -11.44 11.13 -1.90
N ASN A 51 -11.13 12.42 -2.06
CA ASN A 51 -12.14 13.50 -2.00
C ASN A 51 -12.77 13.46 -0.60
N GLY A 52 -14.05 13.07 -0.57
CA GLY A 52 -14.73 12.63 0.65
C GLY A 52 -15.54 11.39 0.31
N LEU A 53 -15.05 10.60 -0.65
CA LEU A 53 -15.78 9.44 -1.15
C LEU A 53 -15.01 8.13 -0.94
N SER A 54 -15.71 7.13 -0.41
CA SER A 54 -15.19 5.75 -0.37
C SER A 54 -15.59 5.00 -1.62
N GLN A 55 -14.66 4.22 -2.17
CA GLN A 55 -14.96 3.28 -3.25
C GLN A 55 -14.33 1.93 -3.00
N PRO A 56 -15.07 0.86 -3.24
CA PRO A 56 -14.48 -0.48 -3.09
C PRO A 56 -13.73 -0.88 -4.36
N VAL A 57 -12.64 -1.62 -4.20
CA VAL A 57 -11.91 -2.16 -5.36
C VAL A 57 -12.83 -3.04 -6.21
N GLN A 58 -13.53 -4.00 -5.57
CA GLN A 58 -14.58 -4.80 -6.24
C GLN A 58 -15.79 -5.25 -5.39
N ASP A 59 -15.63 -5.31 -4.07
CA ASP A 59 -16.68 -5.79 -3.19
C ASP A 59 -17.29 -4.61 -2.43
N ALA A 60 -18.58 -4.30 -2.68
CA ALA A 60 -19.21 -3.15 -2.03
C ALA A 60 -19.53 -3.36 -0.55
N ARG A 61 -19.21 -4.53 -0.01
CA ARG A 61 -19.31 -4.72 1.42
C ARG A 61 -18.26 -3.90 2.19
N PHE A 62 -17.19 -3.53 1.50
CA PHE A 62 -16.06 -2.81 2.13
C PHE A 62 -16.25 -1.31 1.98
N GLN A 63 -16.53 -0.63 3.09
CA GLN A 63 -16.78 0.80 3.04
C GLN A 63 -15.91 1.52 4.05
N ILE A 64 -15.37 2.67 3.66
CA ILE A 64 -14.56 3.53 4.52
C ILE A 64 -15.39 4.78 4.83
N ILE A 65 -15.72 4.95 6.10
CA ILE A 65 -16.68 5.99 6.49
C ILE A 65 -16.00 6.92 7.49
N GLN A 66 -15.77 8.17 7.08
CA GLN A 66 -15.15 9.14 7.98
C GLN A 66 -16.05 9.42 9.17
N LEU A 67 -15.47 9.49 10.37
CA LEU A 67 -16.22 9.78 11.58
C LEU A 67 -16.39 11.30 11.83
N PRO A 68 -17.34 11.67 12.72
CA PRO A 68 -17.65 13.08 12.95
C PRO A 68 -16.47 13.85 13.46
N ASN A 69 -16.15 14.92 12.75
CA ASN A 69 -15.14 15.89 13.16
C ASN A 69 -13.80 15.26 13.60
N ARG A 70 -13.42 14.18 12.93
CA ARG A 70 -12.17 13.48 13.24
C ARG A 70 -11.51 13.01 11.96
N HIS A 71 -10.20 12.86 12.05
CA HIS A 71 -9.42 12.13 11.07
C HIS A 71 -9.39 10.67 11.47
N ASP A 72 -10.55 10.20 11.93
CA ASP A 72 -10.80 8.80 12.23
C ASP A 72 -11.82 8.28 11.23
N PHE A 73 -11.67 7.01 10.87
CA PHE A 73 -12.45 6.40 9.79
C PHE A 73 -12.89 5.02 10.22
N HIS A 74 -14.20 4.72 10.10
CA HIS A 74 -14.62 3.32 10.20
C HIS A 74 -14.34 2.56 8.93
N MET A 75 -13.67 1.42 9.08
CA MET A 75 -13.49 0.48 7.95
C MET A 75 -14.48 -0.64 8.21
N ASN A 76 -15.61 -0.59 7.50
CA ASN A 76 -16.72 -1.52 7.74
C ASN A 76 -16.74 -2.62 6.72
N ILE A 77 -16.85 -3.88 7.21
CA ILE A 77 -17.24 -4.99 6.32
C ILE A 77 -18.68 -5.31 6.61
N LEU A 78 -19.56 -4.98 5.67
CA LEU A 78 -20.97 -5.25 5.86
C LEU A 78 -21.21 -6.72 5.53
N ASP A 79 -21.97 -7.40 6.38
CA ASP A 79 -22.36 -8.79 6.11
C ASP A 79 -21.15 -9.68 5.85
N THR A 80 -20.38 -9.96 6.91
CA THR A 80 -19.14 -10.70 6.77
C THR A 80 -19.35 -12.12 6.28
N ARG A 81 -18.30 -12.65 5.69
CA ARG A 81 -18.24 -14.04 5.22
C ARG A 81 -17.04 -14.66 5.93
N ARG A 82 -17.12 -15.94 6.22
CA ARG A 82 -16.03 -16.59 6.93
C ARG A 82 -14.66 -16.33 6.29
N ASN A 83 -14.62 -16.29 4.95
CA ASN A 83 -13.34 -16.15 4.28
C ASN A 83 -12.83 -14.72 4.20
N ASP A 84 -13.55 -13.83 4.87
CA ASP A 84 -13.00 -12.49 5.12
C ASP A 84 -11.95 -12.55 6.22
N SER A 85 -11.86 -13.67 6.94
CA SER A 85 -10.91 -13.75 8.06
C SER A 85 -9.47 -13.50 7.61
N GLY A 86 -8.77 -12.65 8.37
CA GLY A 86 -7.35 -12.39 8.07
C GLY A 86 -6.89 -11.12 8.72
N ILE A 87 -5.69 -10.68 8.33
CA ILE A 87 -5.10 -9.45 8.84
C ILE A 87 -5.36 -8.30 7.89
N TYR A 88 -5.77 -7.17 8.44
CA TYR A 88 -6.04 -5.98 7.65
C TYR A 88 -5.24 -4.81 8.21
N LEU A 89 -5.11 -3.77 7.42
CA LEU A 89 -4.40 -2.56 7.87
C LEU A 89 -4.89 -1.39 7.03
N CYS A 90 -4.59 -0.17 7.48
CA CYS A 90 -4.85 1.00 6.64
C CYS A 90 -3.56 1.70 6.29
N GLY A 91 -3.55 2.39 5.15
CA GLY A 91 -2.33 3.09 4.71
C GLY A 91 -2.76 4.44 4.16
N ALA A 92 -1.97 5.49 4.41
CA ALA A 92 -2.31 6.82 3.92
C ALA A 92 -1.15 7.39 3.15
N ILE A 93 -1.47 8.21 2.14
CA ILE A 93 -0.44 8.84 1.33
C ILE A 93 -0.64 10.36 1.29
N SER A 94 0.47 11.08 1.38
CA SER A 94 0.52 12.52 1.17
C SER A 94 1.43 12.77 -0.02
N LEU A 95 1.02 13.69 -0.87
CA LEU A 95 1.79 14.00 -2.05
C LEU A 95 2.58 15.32 -1.93
N HIS A 96 2.24 16.08 -0.90
CA HIS A 96 2.83 17.41 -0.74
C HIS A 96 2.93 17.68 0.75
N PRO A 97 4.08 18.22 1.23
CA PRO A 97 5.26 18.75 0.51
C PRO A 97 6.25 17.67 0.02
N LYS A 98 6.08 16.44 0.52
CA LYS A 98 6.95 15.32 0.16
C LYS A 98 6.12 14.04 0.10
N LEU A 99 6.51 13.12 -0.77
CA LEU A 99 5.75 11.89 -0.91
C LEU A 99 5.98 11.03 0.33
N LYS A 100 4.91 10.68 1.04
CA LYS A 100 5.09 9.69 2.09
C LYS A 100 3.92 8.75 2.24
N ILE A 101 4.25 7.50 2.59
CA ILE A 101 3.27 6.49 2.94
C ILE A 101 3.38 6.20 4.42
N GLU A 102 2.25 6.17 5.10
CA GLU A 102 2.21 5.70 6.48
C GLU A 102 1.28 4.49 6.53
N GLU A 103 1.71 3.46 7.25
CA GLU A 103 0.89 2.28 7.45
C GLU A 103 0.57 2.13 8.90
N SER A 104 -0.63 1.65 9.19
CA SER A 104 -0.99 1.24 10.53
C SER A 104 -0.43 -0.14 10.79
N PRO A 105 -0.35 -0.51 12.08
CA PRO A 105 -0.14 -1.93 12.40
C PRO A 105 -1.31 -2.75 11.88
N GLY A 106 -1.09 -4.05 11.73
CA GLY A 106 -2.15 -4.97 11.35
C GLY A 106 -3.17 -5.18 12.46
N ALA A 107 -4.37 -5.53 12.06
CA ALA A 107 -5.40 -5.96 13.00
C ALA A 107 -6.01 -7.23 12.43
N GLU A 108 -6.35 -8.17 13.31
CA GLU A 108 -6.84 -9.45 12.86
C GLU A 108 -8.36 -9.63 13.00
N LEU A 109 -8.97 -10.03 11.90
CA LEU A 109 -10.39 -10.33 11.86
C LEU A 109 -10.59 -11.84 11.81
N VAL A 110 -11.47 -12.36 12.66
CA VAL A 110 -11.90 -13.77 12.62
C VAL A 110 -13.40 -13.81 12.52
N VAL A 111 -13.90 -14.48 11.48
CA VAL A 111 -15.33 -14.59 11.27
C VAL A 111 -15.70 -16.07 11.47
N THR A 112 -16.59 -16.35 12.41
CA THR A 112 -16.85 -17.73 12.81
C THR A 112 -18.19 -18.23 12.25
N LEU B 1 -10.54 1.16 -7.65
CA LEU B 1 -10.35 -0.08 -8.47
C LEU B 1 -8.98 -0.18 -9.19
N PHE B 2 -8.30 0.96 -9.39
CA PHE B 2 -6.87 0.91 -9.74
C PHE B 2 -6.12 0.05 -8.74
N THR B 3 -5.26 -0.84 -9.23
CA THR B 3 -4.47 -1.70 -8.33
C THR B 3 -3.07 -1.92 -8.91
N VAL B 4 -2.15 -2.30 -8.04
CA VAL B 4 -0.77 -2.60 -8.39
C VAL B 4 -0.53 -4.07 -8.03
N THR B 5 0.21 -4.81 -8.85
CA THR B 5 0.56 -6.19 -8.52
C THR B 5 2.06 -6.40 -8.55
N ALA B 6 2.52 -7.50 -7.97
CA ALA B 6 3.97 -7.78 -7.96
C ALA B 6 4.21 -9.25 -8.28
N PRO B 7 4.10 -9.63 -9.56
CA PRO B 7 4.37 -11.02 -9.90
C PRO B 7 5.80 -11.41 -9.52
N LYS B 8 6.74 -10.46 -9.54
CA LYS B 8 8.09 -10.69 -9.01
C LYS B 8 8.23 -9.99 -7.68
N GLU B 9 8.31 -10.74 -6.59
CA GLU B 9 8.37 -10.07 -5.29
C GLU B 9 9.69 -10.15 -4.53
N VAL B 10 10.59 -11.04 -4.96
CA VAL B 10 11.89 -11.19 -4.27
C VAL B 10 13.00 -11.10 -5.31
N TYR B 11 14.02 -10.31 -4.98
CA TYR B 11 15.10 -10.08 -5.90
C TYR B 11 16.43 -10.35 -5.24
N THR B 12 17.37 -10.87 -6.02
CA THR B 12 18.70 -11.18 -5.51
C THR B 12 19.78 -10.38 -6.24
N VAL B 13 20.77 -9.93 -5.50
CA VAL B 13 21.86 -9.14 -6.06
C VAL B 13 23.14 -9.28 -5.23
N ASP B 14 24.29 -9.22 -5.92
CA ASP B 14 25.60 -9.22 -5.26
C ASP B 14 26.03 -7.78 -4.97
N VAL B 15 26.64 -7.58 -3.81
CA VAL B 15 27.21 -6.27 -3.47
C VAL B 15 28.09 -5.79 -4.62
N GLY B 16 27.93 -4.52 -5.01
CA GLY B 16 28.71 -3.91 -6.05
C GLY B 16 27.99 -3.93 -7.39
N SER B 17 26.97 -4.76 -7.50
CA SER B 17 26.20 -4.82 -8.73
C SER B 17 24.90 -4.04 -8.54
N SER B 18 24.18 -3.80 -9.63
CA SER B 18 22.89 -3.14 -9.54
C SER B 18 21.75 -4.13 -9.42
N VAL B 19 20.66 -3.69 -8.77
CA VAL B 19 19.41 -4.46 -8.71
C VAL B 19 18.27 -3.67 -9.36
N SER B 20 17.38 -4.40 -10.02
CA SER B 20 16.16 -3.83 -10.57
CA SER B 20 16.17 -3.83 -10.56
C SER B 20 15.01 -4.46 -9.79
N LEU B 21 13.98 -3.66 -9.54
CA LEU B 21 12.76 -4.04 -8.80
C LEU B 21 11.57 -3.51 -9.57
N GLU B 22 10.47 -4.25 -9.61
CA GLU B 22 9.35 -3.77 -10.40
C GLU B 22 8.02 -4.17 -9.84
N CYS B 23 7.02 -3.34 -10.12
CA CYS B 23 5.65 -3.73 -9.86
C CYS B 23 4.82 -3.29 -11.08
N ASP B 24 3.72 -3.99 -11.31
CA ASP B 24 2.91 -3.77 -12.48
C ASP B 24 1.61 -3.09 -12.08
N PHE B 25 1.02 -2.35 -13.01
CA PHE B 25 -0.25 -1.72 -12.70
C PHE B 25 -1.23 -1.77 -13.85
N ASP B 26 -2.50 -1.59 -13.47
CA ASP B 26 -3.67 -1.61 -14.33
C ASP B 26 -3.78 -0.30 -15.09
N ARG B 27 -3.33 -0.29 -16.34
CA ARG B 27 -3.32 0.92 -17.17
C ARG B 27 -4.67 1.49 -17.59
N ARG B 28 -5.70 0.64 -17.69
CA ARG B 28 -7.01 1.16 -18.11
C ARG B 28 -7.66 1.95 -16.99
N GLU B 29 -6.90 2.14 -15.92
CA GLU B 29 -7.25 3.04 -14.83
C GLU B 29 -6.30 4.24 -14.78
N CYS B 30 -5.50 4.41 -15.83
CA CYS B 30 -4.54 5.51 -15.89
C CYS B 30 -4.47 6.09 -17.28
N THR B 31 -4.75 7.38 -17.38
CA THR B 31 -4.54 8.11 -18.61
C THR B 31 -3.63 9.29 -18.32
N GLU B 32 -3.20 9.98 -19.38
CA GLU B 32 -2.36 11.17 -19.22
C GLU B 32 -3.18 12.40 -18.82
N LEU B 33 -4.48 12.20 -18.62
CA LEU B 33 -5.37 13.26 -18.12
C LEU B 33 -5.09 13.61 -16.65
N GLU B 34 -4.83 12.59 -15.84
CA GLU B 34 -4.67 12.79 -14.41
C GLU B 34 -3.23 12.52 -13.92
N GLY B 35 -2.35 12.17 -14.86
CA GLY B 35 -0.94 11.95 -14.56
C GLY B 35 -0.67 10.61 -13.91
N ILE B 36 0.59 10.18 -14.01
CA ILE B 36 1.03 8.92 -13.41
C ILE B 36 2.38 9.11 -12.73
N ARG B 37 2.47 8.66 -11.49
CA ARG B 37 3.65 8.84 -10.67
C ARG B 37 3.99 7.52 -9.98
N ALA B 38 5.27 7.20 -9.86
CA ALA B 38 5.65 5.95 -9.23
C ALA B 38 6.80 6.25 -8.29
N SER B 39 6.88 5.48 -7.20
CA SER B 39 7.90 5.70 -6.18
C SER B 39 8.26 4.40 -5.48
N LEU B 40 9.53 4.29 -5.09
CA LEU B 40 9.99 3.16 -4.29
C LEU B 40 10.38 3.70 -2.90
N GLN B 41 9.92 3.05 -1.83
CA GLN B 41 10.16 3.53 -0.47
C GLN B 41 10.67 2.38 0.38
N LYS B 42 11.79 2.57 1.06
CA LYS B 42 12.33 1.46 1.85
C LYS B 42 11.59 1.45 3.18
N VAL B 43 11.21 0.27 3.64
CA VAL B 43 10.53 0.15 4.93
C VAL B 43 11.53 0.19 6.09
N GLU B 44 11.45 1.24 6.89
CA GLU B 44 12.40 1.46 8.00
C GLU B 44 11.70 1.50 9.35
N ASN B 45 10.40 1.21 9.34
CA ASN B 45 9.44 1.46 10.44
C ASN B 45 8.05 1.58 9.79
N ASP B 46 7.09 2.26 10.44
CA ASP B 46 5.74 2.38 9.86
C ASP B 46 5.56 3.41 8.73
N THR B 47 6.35 4.48 8.77
CA THR B 47 6.28 5.50 7.72
C THR B 47 7.46 5.41 6.74
N SER B 48 7.14 5.39 5.45
CA SER B 48 8.15 5.35 4.40
C SER B 48 8.26 6.67 3.61
N LEU B 49 9.49 6.98 3.19
CA LEU B 49 9.78 8.13 2.34
C LEU B 49 10.38 7.61 1.08
N GLN B 50 10.47 8.47 0.09
CA GLN B 50 11.13 8.11 -1.15
C GLN B 50 12.54 7.57 -0.88
N SER B 51 12.88 6.45 -1.51
CA SER B 51 14.23 5.93 -1.47
C SER B 51 15.19 6.96 -2.06
N GLU B 52 16.33 7.18 -1.40
CA GLU B 52 17.38 8.03 -1.94
C GLU B 52 18.23 7.28 -2.96
N ARG B 53 18.22 5.94 -2.89
CA ARG B 53 19.16 5.10 -3.65
C ARG B 53 18.62 4.66 -5.01
N ALA B 54 17.31 4.68 -5.17
CA ALA B 54 16.67 4.10 -6.36
C ALA B 54 16.26 5.17 -7.32
N THR B 55 16.26 4.86 -8.61
CA THR B 55 15.65 5.77 -9.58
C THR B 55 14.65 5.02 -10.46
N LEU B 56 13.73 5.76 -11.11
CA LEU B 56 12.67 5.13 -11.88
C LEU B 56 13.03 5.12 -13.36
N LEU B 57 12.94 3.95 -14.00
CA LEU B 57 13.22 3.81 -15.41
C LEU B 57 11.90 4.06 -16.11
N GLU B 58 11.64 5.33 -16.37
CA GLU B 58 10.26 5.71 -16.69
C GLU B 58 9.78 5.30 -18.07
N GLU B 59 10.69 4.83 -18.92
CA GLU B 59 10.31 4.27 -20.23
C GLU B 59 9.43 3.02 -20.14
N GLN B 60 9.42 2.36 -18.98
CA GLN B 60 8.58 1.20 -18.76
C GLN B 60 7.14 1.55 -18.37
N LEU B 61 6.90 2.80 -17.95
CA LEU B 61 5.56 3.17 -17.47
C LEU B 61 4.41 2.98 -18.47
N PRO B 62 4.61 3.39 -19.74
CA PRO B 62 3.54 3.13 -20.73
C PRO B 62 3.24 1.65 -20.95
N LEU B 63 4.18 0.78 -20.57
CA LEU B 63 3.97 -0.67 -20.62
C LEU B 63 3.34 -1.21 -19.32
N GLY B 64 2.96 -0.32 -18.41
CA GLY B 64 2.33 -0.70 -17.14
C GLY B 64 3.29 -1.33 -16.15
N LYS B 65 4.54 -0.93 -16.22
CA LYS B 65 5.53 -1.41 -15.24
C LYS B 65 6.21 -0.23 -14.61
N ALA B 66 6.31 -0.24 -13.27
CA ALA B 66 7.12 0.72 -12.57
C ALA B 66 8.41 -0.03 -12.25
N LEU B 67 9.47 0.34 -12.96
CA LEU B 67 10.74 -0.38 -12.90
C LEU B 67 11.76 0.52 -12.22
N PHE B 68 12.30 0.06 -11.10
CA PHE B 68 13.28 0.81 -10.34
C PHE B 68 14.66 0.20 -10.40
N HIS B 69 15.66 1.07 -10.33
CA HIS B 69 17.05 0.66 -10.44
C HIS B 69 17.83 1.20 -9.25
N ILE B 70 18.53 0.30 -8.55
CA ILE B 70 19.46 0.70 -7.51
C ILE B 70 20.87 0.25 -7.91
N PRO B 71 21.78 1.21 -8.17
CA PRO B 71 23.13 0.82 -8.58
C PRO B 71 24.02 0.54 -7.37
N SER B 72 25.07 -0.23 -7.59
CA SER B 72 26.13 -0.41 -6.59
C SER B 72 25.60 -0.79 -5.23
N VAL B 73 24.76 -1.82 -5.22
CA VAL B 73 24.13 -2.34 -4.02
C VAL B 73 25.12 -2.62 -2.89
N GLN B 74 24.73 -2.22 -1.69
CA GLN B 74 25.48 -2.47 -0.47
C GLN B 74 24.60 -3.26 0.49
N VAL B 75 25.20 -3.86 1.51
CA VAL B 75 24.42 -4.63 2.48
C VAL B 75 23.20 -3.87 3.02
N ARG B 76 23.33 -2.56 3.25
CA ARG B 76 22.23 -1.80 3.86
C ARG B 76 21.01 -1.63 2.96
N ASP B 77 21.16 -1.99 1.68
CA ASP B 77 20.04 -1.99 0.76
C ASP B 77 19.15 -3.20 0.93
N SER B 78 19.57 -4.20 1.72
CA SER B 78 18.72 -5.35 2.00
C SER B 78 17.35 -4.98 2.59
N GLY B 79 16.35 -5.78 2.26
CA GLY B 79 15.08 -5.77 2.97
C GLY B 79 13.90 -5.36 2.15
N GLN B 80 12.85 -4.92 2.84
CA GLN B 80 11.56 -4.69 2.23
C GLN B 80 11.40 -3.27 1.72
N TYR B 81 10.75 -3.12 0.58
CA TYR B 81 10.43 -1.85 -0.01
C TYR B 81 8.95 -1.82 -0.36
N ARG B 82 8.37 -0.63 -0.48
CA ARG B 82 7.01 -0.52 -1.00
C ARG B 82 7.15 0.03 -2.40
N CYS B 83 6.58 -0.66 -3.38
CA CYS B 83 6.57 -0.20 -4.77
C CYS B 83 5.21 0.43 -4.98
N LEU B 84 5.20 1.76 -5.19
CA LEU B 84 3.97 2.58 -5.18
C LEU B 84 3.65 3.20 -6.54
N VAL B 85 2.39 3.11 -6.99
CA VAL B 85 1.99 3.82 -8.21
C VAL B 85 0.76 4.65 -7.90
N ILE B 86 0.75 5.88 -8.43
CA ILE B 86 -0.35 6.81 -8.24
C ILE B 86 -0.85 7.21 -9.62
N CYS B 87 -2.14 7.03 -9.83
CA CYS B 87 -2.79 7.47 -11.06
C CYS B 87 -3.95 8.40 -10.74
N GLY B 88 -3.74 9.69 -10.91
CA GLY B 88 -4.72 10.69 -10.47
C GLY B 88 -4.99 10.54 -9.00
N ALA B 89 -6.25 10.35 -8.64
CA ALA B 89 -6.59 10.20 -7.22
C ALA B 89 -6.26 8.80 -6.69
N ALA B 90 -6.11 7.84 -7.60
CA ALA B 90 -6.04 6.43 -7.18
C ALA B 90 -4.58 6.03 -6.94
N TRP B 91 -4.35 5.18 -5.93
CA TRP B 91 -3.00 4.66 -5.68
C TRP B 91 -3.05 3.26 -5.10
N ASP B 92 -1.92 2.55 -5.18
CA ASP B 92 -1.80 1.23 -4.57
C ASP B 92 -0.33 0.90 -4.50
N TYR B 93 0.02 -0.13 -3.72
CA TYR B 93 1.43 -0.54 -3.60
C TYR B 93 1.57 -2.02 -3.30
N LYS B 94 2.78 -2.53 -3.47
CA LYS B 94 3.14 -3.89 -3.12
C LYS B 94 4.46 -3.92 -2.42
N TYR B 95 4.66 -4.90 -1.53
CA TYR B 95 5.97 -5.06 -0.93
C TYR B 95 6.90 -5.88 -1.82
N LEU B 96 8.13 -5.40 -1.96
CA LEU B 96 9.21 -6.12 -2.65
C LEU B 96 10.35 -6.35 -1.68
N THR B 97 11.07 -7.47 -1.84
CA THR B 97 12.22 -7.76 -0.97
C THR B 97 13.51 -7.88 -1.75
N VAL B 98 14.56 -7.25 -1.25
CA VAL B 98 15.89 -7.39 -1.83
C VAL B 98 16.75 -8.28 -0.91
N LYS B 99 17.30 -9.34 -1.49
CA LYS B 99 18.23 -10.20 -0.80
C LYS B 99 19.61 -9.97 -1.39
N VAL B 100 20.57 -9.68 -0.52
CA VAL B 100 21.92 -9.27 -0.95
C VAL B 100 22.95 -10.38 -0.65
N LYS B 101 23.85 -10.64 -1.60
CA LYS B 101 25.01 -11.48 -1.35
C LYS B 101 26.25 -10.62 -1.24
N ALA B 102 26.90 -10.65 -0.07
CA ALA B 102 28.13 -9.92 0.14
C ALA B 102 29.36 -10.83 0.04
N SER B 103 30.37 -10.44 -0.74
CA SER B 103 31.62 -11.24 -0.87
C SER B 103 32.86 -10.37 -0.66
N TYR B 104 33.61 -10.70 0.40
CA TYR B 104 34.84 -9.99 0.79
C TYR B 104 34.64 -8.47 0.80
#